data_8CQI
#
_entry.id   8CQI
#
_cell.length_a   46.769
_cell.length_b   71.519
_cell.length_c   79.320
_cell.angle_alpha   90.00
_cell.angle_beta   95.27
_cell.angle_gamma   90.00
#
_symmetry.space_group_name_H-M   'P 1 21 1'
#
loop_
_entity.id
_entity.type
_entity.pdbx_description
1 polymer 'Heparanase 50 kDa subunit'
2 polymer Heparanase
3 non-polymer 2-acetamido-2-deoxy-beta-D-glucopyranose
4 non-polymer '(3~{S},4~{S})-4,5,5-tris(oxidanyl)piperidine-3-carboxylic acid'
5 non-polymer 1,2-ETHANEDIOL
6 non-polymer 1,5-anhydro-D-arabinitol
7 non-polymer 'CHLORIDE ION'
8 water water
#
loop_
_entity_poly.entity_id
_entity_poly.type
_entity_poly.pdbx_seq_one_letter_code
_entity_poly.pdbx_strand_id
1 'polypeptide(L)'
;DPGKKFKNSTYSRSSVDVLYTFANCSGLDLIFGLNALLRTADLQWNSSNAQLLLDYCSSKGYNISWELGNEPNSFLKKAD
IFINGSQLGEDFIQLHKLLRKSTFKNAKLYGPDVGQPRRKTAKMLKSFLKAGGEVIDSVTWHHYYLNGRTATREDFLNPD
VLDIFISSVQKVFQVVESTRPGKKVWLGETSSAYGGGAPLLSDTFAAGFMWLDKLGLSARMGIEVVMRQVFFGAGNYHLV
DENFDPLPDYWLSLLFKKLVGTKVLMASVQGSKRRKLRVYLHCTNTDNPRYKEGDLTLYAINLHNVTKYLRLPYPFSNKQ
VDKYLLRPLGPHGLLSKSVQLNGLTLKMVDDQTLPPLMEKPLRPGSSLGLPAFSYSFFVIRNAKVAACI
;
A
2 'polypeptide(L)' DPGQDVVDLDFFTQEPLHLVSPSFLSVTIDANLATDPRFLILLGSPKLRTLARGLSPAYLRFGGTKTDFLIFDPKKE B
#
loop_
_chem_comp.id
_chem_comp.type
_chem_comp.name
_chem_comp.formula
CL non-polymer 'CHLORIDE ION' 'Cl -1'
EDO non-polymer 1,2-ETHANEDIOL 'C2 H6 O2'
LYY non-polymer 1,5-anhydro-D-arabinitol 'C5 H10 O4'
NAG D-saccharide, beta linking 2-acetamido-2-deoxy-beta-D-glucopyranose 'C8 H15 N O6'
VGO non-polymer '(3~{S},4~{S})-4,5,5-tris(oxidanyl)piperidine-3-carboxylic acid' 'C6 H11 N O5'
#
# COMPACT_ATOMS: atom_id res chain seq x y z
N LYS A 5 -17.06 -21.83 2.84
CA LYS A 5 -17.63 -20.62 3.50
C LYS A 5 -18.12 -19.63 2.43
N PHE A 6 -17.40 -19.50 1.30
CA PHE A 6 -17.66 -18.49 0.27
C PHE A 6 -18.41 -19.07 -0.95
N LYS A 7 -19.49 -18.37 -1.37
CA LYS A 7 -20.37 -18.78 -2.46
C LYS A 7 -20.37 -17.74 -3.60
N ASN A 8 -20.78 -18.19 -4.80
CA ASN A 8 -20.78 -17.35 -5.98
C ASN A 8 -21.78 -16.18 -5.77
N SER A 9 -21.48 -15.07 -6.44
CA SER A 9 -22.24 -13.82 -6.40
C SER A 9 -22.11 -13.16 -7.78
N THR A 10 -23.17 -12.48 -8.23
CA THR A 10 -23.11 -11.70 -9.46
C THR A 10 -23.04 -10.22 -9.11
N TYR A 11 -22.59 -9.44 -10.09
CA TYR A 11 -22.44 -8.00 -9.90
C TYR A 11 -22.80 -7.31 -11.21
N SER A 12 -23.30 -6.07 -11.14
CA SER A 12 -24.02 -5.41 -12.23
C SER A 12 -23.15 -4.37 -12.93
N ARG A 13 -23.58 -3.97 -14.14
CA ARG A 13 -23.01 -2.85 -14.88
C ARG A 13 -23.06 -1.56 -14.06
N SER A 14 -24.08 -1.42 -13.21
CA SER A 14 -24.14 -0.33 -12.24
C SER A 14 -22.91 -0.36 -11.34
N SER A 15 -22.67 -1.51 -10.68
CA SER A 15 -21.52 -1.70 -9.81
C SER A 15 -20.20 -1.34 -10.50
N VAL A 16 -20.01 -1.79 -11.75
CA VAL A 16 -18.81 -1.46 -12.51
C VAL A 16 -18.67 0.06 -12.59
N ASP A 17 -19.79 0.73 -12.88
CA ASP A 17 -19.81 2.17 -13.11
C ASP A 17 -19.55 2.93 -11.79
N VAL A 18 -20.07 2.41 -10.67
CA VAL A 18 -19.83 3.06 -9.40
C VAL A 18 -18.33 3.01 -9.13
N LEU A 19 -17.76 1.80 -9.26
CA LEU A 19 -16.35 1.56 -8.95
C LEU A 19 -15.45 2.43 -9.81
N TYR A 20 -15.69 2.48 -11.13
CA TYR A 20 -14.83 3.22 -12.04
C TYR A 20 -14.99 4.72 -11.80
N THR A 21 -16.24 5.16 -11.59
CA THR A 21 -16.53 6.55 -11.34
C THR A 21 -15.77 7.04 -10.10
N PHE A 22 -15.82 6.22 -9.04
CA PHE A 22 -15.11 6.48 -7.79
C PHE A 22 -13.61 6.64 -8.06
N ALA A 23 -13.02 5.68 -8.77
CA ALA A 23 -11.62 5.77 -9.10
C ALA A 23 -11.35 7.03 -9.92
N ASN A 24 -12.08 7.16 -11.03
CA ASN A 24 -11.81 8.17 -12.06
C ASN A 24 -11.87 9.57 -11.46
N CYS A 25 -12.97 9.89 -10.77
CA CYS A 25 -13.21 11.22 -10.23
C CYS A 25 -12.34 11.48 -8.99
N SER A 26 -11.66 10.45 -8.47
CA SER A 26 -10.77 10.61 -7.33
C SER A 26 -9.31 10.65 -7.80
N GLY A 27 -9.08 10.53 -9.10
CA GLY A 27 -7.73 10.69 -9.61
C GLY A 27 -6.91 9.42 -9.44
N LEU A 28 -7.60 8.26 -9.33
CA LEU A 28 -6.97 6.99 -9.07
C LEU A 28 -7.08 6.10 -10.31
N ASP A 29 -6.11 5.16 -10.39
CA ASP A 29 -5.99 4.23 -11.49
C ASP A 29 -6.47 2.87 -11.01
N LEU A 30 -7.42 2.28 -11.75
CA LEU A 30 -8.18 1.14 -11.28
C LEU A 30 -7.56 -0.16 -11.77
N ILE A 31 -7.47 -1.13 -10.86
CA ILE A 31 -7.04 -2.49 -11.17
C ILE A 31 -8.18 -3.40 -10.74
N PHE A 32 -8.72 -4.14 -11.70
CA PHE A 32 -9.85 -4.98 -11.44
C PHE A 32 -9.39 -6.42 -11.47
N GLY A 33 -9.68 -7.17 -10.40
CA GLY A 33 -9.36 -8.59 -10.32
C GLY A 33 -10.48 -9.46 -10.91
N LEU A 34 -10.15 -10.28 -11.92
CA LEU A 34 -11.12 -11.17 -12.56
C LEU A 34 -11.13 -12.55 -11.90
N ASN A 35 -12.27 -13.25 -12.01
CA ASN A 35 -12.49 -14.55 -11.39
C ASN A 35 -11.71 -15.63 -12.13
N ALA A 36 -10.82 -16.31 -11.41
CA ALA A 36 -9.96 -17.33 -11.97
C ALA A 36 -10.48 -18.75 -11.71
N LEU A 37 -11.59 -18.87 -10.97
CA LEU A 37 -12.10 -20.17 -10.61
C LEU A 37 -13.24 -20.61 -11.53
N LEU A 38 -13.50 -19.83 -12.60
CA LEU A 38 -14.33 -20.29 -13.70
C LEU A 38 -13.48 -21.20 -14.59
N ARG A 39 -13.78 -22.50 -14.57
CA ARG A 39 -12.91 -23.48 -15.20
C ARG A 39 -13.61 -24.19 -16.36
N THR A 40 -12.87 -25.06 -17.07
CA THR A 40 -13.42 -25.89 -18.13
C THR A 40 -13.43 -27.35 -17.67
N ALA A 41 -13.68 -28.26 -18.62
CA ALA A 41 -13.67 -29.70 -18.36
C ALA A 41 -12.28 -30.23 -18.00
N ASP A 42 -11.20 -29.55 -18.41
CA ASP A 42 -9.83 -30.02 -18.16
C ASP A 42 -9.07 -29.11 -17.17
N LEU A 43 -9.79 -28.44 -16.26
CA LEU A 43 -9.20 -27.48 -15.33
C LEU A 43 -8.39 -26.41 -16.08
N GLN A 44 -8.98 -25.83 -17.14
CA GLN A 44 -8.40 -24.71 -17.89
C GLN A 44 -9.26 -23.46 -17.63
N TRP A 45 -8.70 -22.24 -17.68
CA TRP A 45 -9.53 -21.08 -17.38
C TRP A 45 -10.57 -20.83 -18.49
N ASN A 46 -11.85 -20.73 -18.10
CA ASN A 46 -12.95 -20.35 -18.98
C ASN A 46 -13.11 -18.83 -18.98
N SER A 47 -12.72 -18.22 -20.10
CA SER A 47 -12.58 -16.78 -20.22
C SER A 47 -13.86 -16.06 -20.65
N SER A 48 -15.00 -16.77 -20.74
CA SER A 48 -16.14 -16.16 -21.42
C SER A 48 -16.73 -15.03 -20.58
N ASN A 49 -16.76 -15.17 -19.24
CA ASN A 49 -17.36 -14.13 -18.41
C ASN A 49 -16.53 -12.86 -18.53
N ALA A 50 -15.21 -12.98 -18.31
CA ALA A 50 -14.30 -11.84 -18.46
C ALA A 50 -14.49 -11.12 -19.80
N GLN A 51 -14.75 -11.90 -20.86
CA GLN A 51 -14.95 -11.36 -22.20
C GLN A 51 -16.13 -10.40 -22.14
N LEU A 52 -17.21 -10.83 -21.49
CA LEU A 52 -18.36 -9.96 -21.31
C LEU A 52 -17.90 -8.64 -20.70
N LEU A 53 -17.21 -8.71 -19.54
CA LEU A 53 -16.80 -7.52 -18.81
C LEU A 53 -15.81 -6.72 -19.65
N LEU A 54 -14.85 -7.41 -20.27
CA LEU A 54 -13.86 -6.72 -21.10
C LEU A 54 -14.58 -5.84 -22.13
N ASP A 55 -15.58 -6.42 -22.83
CA ASP A 55 -16.32 -5.77 -23.90
C ASP A 55 -17.08 -4.56 -23.34
N TYR A 56 -17.78 -4.78 -22.23
CA TYR A 56 -18.58 -3.71 -21.65
C TYR A 56 -17.70 -2.52 -21.34
N CYS A 57 -16.52 -2.77 -20.73
CA CYS A 57 -15.64 -1.71 -20.23
C CYS A 57 -15.04 -0.92 -21.40
N SER A 58 -14.72 -1.62 -22.51
CA SER A 58 -14.24 -0.98 -23.72
C SER A 58 -15.32 -0.04 -24.27
N SER A 59 -16.56 -0.52 -24.38
CA SER A 59 -17.64 0.27 -24.93
C SER A 59 -17.80 1.57 -24.11
N LYS A 60 -17.76 1.48 -22.77
CA LYS A 60 -17.99 2.65 -21.94
C LYS A 60 -16.74 3.54 -21.88
N GLY A 61 -15.59 3.04 -22.35
CA GLY A 61 -14.37 3.82 -22.51
C GLY A 61 -13.48 3.85 -21.25
N TYR A 62 -13.57 2.81 -20.44
CA TYR A 62 -12.91 2.77 -19.14
C TYR A 62 -11.45 2.39 -19.30
N ASN A 63 -10.51 3.17 -18.73
CA ASN A 63 -9.07 2.85 -18.76
C ASN A 63 -8.69 2.03 -17.53
N ILE A 64 -8.61 0.68 -17.68
CA ILE A 64 -8.57 -0.23 -16.55
C ILE A 64 -7.37 -1.19 -16.70
N SER A 65 -6.63 -1.43 -15.60
CA SER A 65 -5.63 -2.48 -15.53
C SER A 65 -6.27 -3.74 -14.95
N TRP A 66 -5.67 -4.91 -15.18
CA TRP A 66 -6.29 -6.18 -14.83
C TRP A 66 -5.41 -7.05 -13.93
N GLU A 67 -6.09 -7.89 -13.13
CA GLU A 67 -5.49 -9.03 -12.43
C GLU A 67 -6.38 -10.25 -12.65
N LEU A 68 -5.82 -11.45 -12.46
CA LEU A 68 -6.59 -12.66 -12.63
C LEU A 68 -6.30 -13.59 -11.45
N GLY A 69 -7.30 -13.71 -10.57
CA GLY A 69 -7.17 -14.43 -9.33
C GLY A 69 -6.57 -13.62 -8.17
N ASN A 70 -6.76 -14.20 -6.99
CA ASN A 70 -6.39 -13.69 -5.69
C ASN A 70 -6.04 -14.87 -4.80
N GLU A 71 -4.78 -14.91 -4.37
CA GLU A 71 -4.30 -15.93 -3.46
C GLU A 71 -4.64 -17.31 -3.98
N PRO A 72 -4.14 -17.70 -5.20
CA PRO A 72 -4.42 -19.02 -5.77
C PRO A 72 -3.95 -20.17 -4.89
N ASN A 73 -2.96 -19.86 -4.05
CA ASN A 73 -2.49 -20.75 -3.01
C ASN A 73 -3.64 -21.29 -2.15
N SER A 74 -4.69 -20.48 -1.84
CA SER A 74 -5.77 -20.93 -0.97
C SER A 74 -6.99 -21.49 -1.71
N PHE A 75 -6.87 -21.75 -3.03
CA PHE A 75 -7.99 -22.24 -3.81
C PHE A 75 -8.45 -23.63 -3.35
N LEU A 76 -7.51 -24.54 -3.04
CA LEU A 76 -7.88 -25.89 -2.61
C LEU A 76 -8.68 -25.82 -1.32
N LYS A 77 -8.14 -25.11 -0.32
CA LYS A 77 -8.75 -24.92 0.99
C LYS A 77 -10.12 -24.23 0.90
N LYS A 78 -10.31 -23.29 -0.05
CA LYS A 78 -11.47 -22.42 -0.06
C LYS A 78 -12.51 -22.78 -1.13
N ALA A 79 -12.18 -23.67 -2.07
CA ALA A 79 -13.10 -24.02 -3.14
C ALA A 79 -12.94 -25.48 -3.58
N ASP A 80 -12.07 -26.24 -2.87
CA ASP A 80 -11.84 -27.65 -3.14
C ASP A 80 -11.33 -27.84 -4.59
N ILE A 81 -10.63 -26.84 -5.15
CA ILE A 81 -10.07 -26.86 -6.50
C ILE A 81 -8.58 -26.54 -6.43
N PHE A 82 -7.71 -27.39 -7.00
CA PHE A 82 -6.30 -27.08 -7.06
C PHE A 82 -5.86 -26.68 -8.47
N ILE A 83 -5.30 -25.48 -8.61
CA ILE A 83 -4.68 -25.01 -9.85
C ILE A 83 -3.18 -24.80 -9.59
N ASN A 84 -2.31 -25.51 -10.31
CA ASN A 84 -0.89 -25.34 -10.13
C ASN A 84 -0.44 -24.06 -10.84
N GLY A 85 0.79 -23.63 -10.55
CA GLY A 85 1.32 -22.39 -11.08
C GLY A 85 1.51 -22.40 -12.60
N SER A 86 1.90 -23.55 -13.17
CA SER A 86 2.02 -23.71 -14.62
C SER A 86 0.72 -23.35 -15.34
N GLN A 87 -0.33 -24.03 -14.92
CA GLN A 87 -1.65 -23.83 -15.48
C GLN A 87 -2.00 -22.34 -15.39
N LEU A 88 -1.78 -21.75 -14.21
CA LEU A 88 -2.17 -20.36 -13.95
C LEU A 88 -1.39 -19.44 -14.87
N GLY A 89 -0.11 -19.74 -15.11
CA GLY A 89 0.64 -19.00 -16.12
C GLY A 89 -0.07 -19.05 -17.48
N GLU A 90 -0.45 -20.26 -17.89
CA GLU A 90 -1.12 -20.44 -19.16
C GLU A 90 -2.39 -19.58 -19.17
N ASP A 91 -3.10 -19.56 -18.03
CA ASP A 91 -4.35 -18.80 -17.98
C ASP A 91 -4.08 -17.31 -18.16
N PHE A 92 -2.98 -16.81 -17.61
CA PHE A 92 -2.61 -15.41 -17.77
C PHE A 92 -2.25 -15.12 -19.23
N ILE A 93 -1.70 -16.13 -19.92
CA ILE A 93 -1.34 -15.97 -21.33
C ILE A 93 -2.64 -15.79 -22.10
N GLN A 94 -3.62 -16.63 -21.78
CA GLN A 94 -4.89 -16.58 -22.47
C GLN A 94 -5.58 -15.22 -22.26
N LEU A 95 -5.52 -14.64 -21.05
CA LEU A 95 -6.15 -13.34 -20.77
C LEU A 95 -5.42 -12.22 -21.51
N HIS A 96 -4.11 -12.38 -21.64
CA HIS A 96 -3.29 -11.39 -22.32
C HIS A 96 -3.75 -11.27 -23.77
N LYS A 97 -3.95 -12.42 -24.43
CA LYS A 97 -4.42 -12.46 -25.81
C LYS A 97 -5.70 -11.65 -25.97
N LEU A 98 -6.62 -11.78 -24.99
CA LEU A 98 -7.90 -11.09 -25.02
C LEU A 98 -7.73 -9.58 -24.89
N LEU A 99 -6.76 -9.15 -24.08
CA LEU A 99 -6.51 -7.73 -23.88
C LEU A 99 -5.92 -7.09 -25.14
N ARG A 100 -5.01 -7.83 -25.81
CA ARG A 100 -4.34 -7.30 -26.99
C ARG A 100 -5.31 -7.22 -28.18
N LYS A 101 -6.42 -7.97 -28.16
CA LYS A 101 -7.45 -7.84 -29.19
C LYS A 101 -8.61 -6.93 -28.75
N SER A 102 -8.38 -5.99 -27.81
CA SER A 102 -9.45 -5.13 -27.27
C SER A 102 -9.18 -3.67 -27.63
N THR A 103 -10.06 -2.75 -27.21
CA THR A 103 -9.87 -1.32 -27.43
C THR A 103 -8.63 -0.81 -26.69
N PHE A 104 -8.32 -1.36 -25.50
CA PHE A 104 -7.10 -0.99 -24.78
C PHE A 104 -6.11 -2.15 -24.96
N LYS A 105 -5.36 -2.09 -26.05
CA LYS A 105 -4.51 -3.19 -26.48
C LYS A 105 -3.26 -3.17 -25.62
N ASN A 106 -3.02 -2.03 -24.96
CA ASN A 106 -1.83 -1.81 -24.14
C ASN A 106 -2.17 -1.95 -22.66
N ALA A 107 -3.44 -2.24 -22.35
CA ALA A 107 -3.91 -2.49 -20.99
C ALA A 107 -2.89 -3.31 -20.19
N LYS A 108 -2.63 -2.85 -18.95
CA LYS A 108 -1.63 -3.44 -18.08
C LYS A 108 -2.20 -4.67 -17.39
N LEU A 109 -1.33 -5.63 -17.08
CA LEU A 109 -1.74 -6.88 -16.47
C LEU A 109 -0.76 -7.29 -15.37
N TYR A 110 -1.29 -7.61 -14.19
CA TYR A 110 -0.48 -7.84 -13.00
C TYR A 110 -0.96 -9.10 -12.31
N GLY A 111 -0.05 -9.81 -11.64
CA GLY A 111 -0.34 -11.11 -11.03
C GLY A 111 0.93 -11.75 -10.46
N PRO A 112 0.83 -12.88 -9.72
CA PRO A 112 -0.43 -13.58 -9.42
C PRO A 112 -1.16 -13.41 -8.09
N ASP A 113 -0.78 -12.41 -7.29
CA ASP A 113 -1.46 -12.07 -6.04
C ASP A 113 -1.42 -13.24 -5.05
N VAL A 114 -0.27 -13.92 -5.00
CA VAL A 114 -0.06 -15.01 -4.05
C VAL A 114 0.22 -14.42 -2.68
N GLY A 115 -0.11 -15.24 -1.66
CA GLY A 115 0.21 -14.95 -0.28
C GLY A 115 1.72 -14.85 -0.07
N GLN A 116 2.10 -14.44 1.15
CA GLN A 116 3.49 -14.23 1.48
C GLN A 116 4.18 -15.57 1.38
N PRO A 117 5.48 -15.56 0.99
CA PRO A 117 6.17 -16.76 0.55
C PRO A 117 6.60 -17.72 1.64
N ARG A 118 5.66 -18.56 2.07
CA ARG A 118 5.99 -19.81 2.74
C ARG A 118 6.44 -20.82 1.66
N ARG A 119 6.75 -22.07 2.03
CA ARG A 119 7.32 -23.05 1.10
C ARG A 119 6.37 -23.40 -0.06
N LYS A 120 5.07 -23.52 0.21
CA LYS A 120 4.06 -23.81 -0.80
C LYS A 120 3.92 -22.64 -1.79
N THR A 121 4.00 -21.40 -1.29
CA THR A 121 3.66 -20.28 -2.15
C THR A 121 4.81 -19.93 -3.08
N ALA A 122 6.04 -20.22 -2.61
CA ALA A 122 7.27 -20.03 -3.37
C ALA A 122 7.28 -20.92 -4.63
N LYS A 123 6.93 -22.19 -4.48
CA LYS A 123 6.94 -23.10 -5.61
C LYS A 123 5.91 -22.64 -6.64
N MET A 124 4.72 -22.23 -6.17
CA MET A 124 3.63 -21.82 -7.03
C MET A 124 4.02 -20.55 -7.76
N LEU A 125 4.69 -19.63 -7.07
CA LEU A 125 5.09 -18.36 -7.68
C LEU A 125 6.15 -18.58 -8.75
N LYS A 126 7.09 -19.49 -8.45
CA LYS A 126 8.21 -19.79 -9.34
C LYS A 126 7.68 -20.38 -10.65
N SER A 127 6.85 -21.41 -10.54
CA SER A 127 6.29 -22.06 -11.71
C SER A 127 5.32 -21.12 -12.42
N PHE A 128 4.63 -20.26 -11.66
CA PHE A 128 3.79 -19.25 -12.28
C PHE A 128 4.63 -18.31 -13.13
N LEU A 129 5.79 -17.88 -12.61
CA LEU A 129 6.63 -16.92 -13.34
C LEU A 129 7.36 -17.55 -14.54
N LYS A 130 7.71 -18.84 -14.45
CA LYS A 130 8.36 -19.57 -15.55
C LYS A 130 7.40 -19.67 -16.73
N ALA A 131 6.09 -19.82 -16.45
CA ALA A 131 5.06 -19.97 -17.48
C ALA A 131 4.47 -18.62 -17.92
N GLY A 132 3.99 -17.79 -16.97
CA GLY A 132 3.26 -16.57 -17.29
C GLY A 132 4.08 -15.29 -17.21
N GLY A 133 5.36 -15.41 -16.81
CA GLY A 133 6.18 -14.25 -16.51
C GLY A 133 6.21 -13.25 -17.66
N GLU A 134 6.10 -13.82 -18.88
CA GLU A 134 6.25 -13.09 -20.11
C GLU A 134 5.22 -11.97 -20.20
N VAL A 135 4.03 -12.17 -19.61
CA VAL A 135 2.95 -11.27 -19.95
C VAL A 135 2.55 -10.40 -18.77
N ILE A 136 3.14 -10.62 -17.59
CA ILE A 136 2.77 -9.78 -16.48
C ILE A 136 3.70 -8.58 -16.49
N ASP A 137 3.12 -7.40 -16.29
CA ASP A 137 3.89 -6.18 -16.16
C ASP A 137 4.51 -6.02 -14.77
N SER A 138 3.88 -6.62 -13.75
CA SER A 138 4.39 -6.59 -12.38
C SER A 138 4.01 -7.88 -11.65
N VAL A 139 4.88 -8.29 -10.74
CA VAL A 139 4.61 -9.37 -9.83
C VAL A 139 3.90 -8.79 -8.61
N THR A 140 2.71 -9.33 -8.32
CA THR A 140 1.99 -9.01 -7.09
C THR A 140 2.02 -10.16 -6.08
N TRP A 141 2.37 -9.82 -4.84
CA TRP A 141 2.21 -10.74 -3.70
C TRP A 141 1.56 -9.98 -2.57
N HIS A 142 1.11 -10.68 -1.52
CA HIS A 142 0.48 -10.03 -0.39
C HIS A 142 1.28 -10.31 0.89
N HIS A 143 1.20 -9.43 1.89
CA HIS A 143 1.80 -9.63 3.21
C HIS A 143 0.90 -9.15 4.36
N TYR A 144 0.74 -10.00 5.39
CA TYR A 144 0.34 -9.51 6.70
C TYR A 144 1.30 -10.05 7.77
N TYR A 145 1.58 -9.26 8.81
CA TYR A 145 2.45 -9.69 9.90
C TYR A 145 1.80 -10.77 10.78
N LEU A 146 0.52 -10.58 11.16
CA LEU A 146 -0.12 -11.33 12.25
C LEU A 146 -1.55 -11.74 11.93
N ASN A 147 -2.05 -12.71 12.67
CA ASN A 147 -3.45 -13.05 12.72
C ASN A 147 -4.19 -12.01 13.57
N GLY A 148 -5.09 -11.24 12.97
CA GLY A 148 -5.87 -10.24 13.70
C GLY A 148 -6.63 -10.83 14.90
N ARG A 149 -6.95 -12.13 14.85
CA ARG A 149 -7.67 -12.76 15.94
C ARG A 149 -6.83 -12.73 17.21
N THR A 150 -5.50 -12.93 17.10
CA THR A 150 -4.65 -13.24 18.24
C THR A 150 -3.63 -12.13 18.53
N ALA A 151 -3.53 -11.16 17.61
CA ALA A 151 -2.49 -10.15 17.66
C ALA A 151 -2.67 -9.28 18.90
N THR A 152 -1.54 -8.91 19.52
CA THR A 152 -1.56 -8.12 20.74
C THR A 152 -1.04 -6.72 20.46
N ARG A 153 -1.22 -5.87 21.46
CA ARG A 153 -0.78 -4.50 21.40
C ARG A 153 0.74 -4.48 21.41
N GLU A 154 1.32 -5.41 22.18
CA GLU A 154 2.77 -5.56 22.26
C GLU A 154 3.36 -5.93 20.89
N ASP A 155 2.72 -6.87 20.19
CA ASP A 155 3.10 -7.28 18.86
C ASP A 155 3.28 -6.07 17.92
N PHE A 156 2.34 -5.10 18.03
CA PHE A 156 2.29 -3.93 17.16
C PHE A 156 3.43 -2.96 17.44
N LEU A 157 4.06 -3.11 18.61
CA LEU A 157 5.12 -2.22 19.06
C LEU A 157 6.47 -2.92 18.99
N ASN A 158 6.47 -4.17 18.54
CA ASN A 158 7.60 -5.05 18.72
C ASN A 158 8.50 -5.01 17.48
N PRO A 159 9.75 -4.54 17.60
CA PRO A 159 10.65 -4.53 16.44
C PRO A 159 10.96 -5.90 15.84
N ASP A 160 10.90 -6.96 16.64
CA ASP A 160 11.18 -8.29 16.12
C ASP A 160 10.03 -8.74 15.24
N VAL A 161 8.83 -8.18 15.49
CA VAL A 161 7.69 -8.46 14.63
C VAL A 161 7.93 -7.70 13.33
N LEU A 162 8.31 -6.42 13.43
CA LEU A 162 8.52 -5.61 12.24
C LEU A 162 9.55 -6.31 11.36
N ASP A 163 10.63 -6.80 11.97
CA ASP A 163 11.76 -7.38 11.23
C ASP A 163 11.37 -8.57 10.34
N ILE A 164 10.32 -9.34 10.65
CA ILE A 164 10.03 -10.53 9.87
C ILE A 164 9.71 -10.15 8.41
N PHE A 165 9.11 -8.98 8.19
CA PHE A 165 8.79 -8.52 6.85
C PHE A 165 10.02 -8.60 5.95
N ILE A 166 11.20 -8.29 6.51
CA ILE A 166 12.45 -8.25 5.76
C ILE A 166 12.71 -9.58 5.08
N SER A 167 12.61 -10.70 5.79
CA SER A 167 12.85 -11.99 5.17
C SER A 167 11.77 -12.30 4.14
N SER A 168 10.53 -11.88 4.39
CA SER A 168 9.51 -12.12 3.39
C SER A 168 9.93 -11.51 2.07
N VAL A 169 10.47 -10.28 2.15
CA VAL A 169 10.74 -9.53 0.94
C VAL A 169 11.90 -10.22 0.21
N GLN A 170 12.93 -10.65 0.98
CA GLN A 170 14.11 -11.29 0.42
C GLN A 170 13.69 -12.55 -0.31
N LYS A 171 12.78 -13.33 0.27
CA LYS A 171 12.32 -14.56 -0.37
C LYS A 171 11.60 -14.28 -1.69
N VAL A 172 10.81 -13.21 -1.80
CA VAL A 172 10.14 -12.93 -3.06
C VAL A 172 11.18 -12.60 -4.13
N PHE A 173 12.12 -11.72 -3.81
CA PHE A 173 13.17 -11.32 -4.73
C PHE A 173 14.04 -12.52 -5.11
N GLN A 174 14.21 -13.51 -4.23
CA GLN A 174 15.03 -14.68 -4.58
C GLN A 174 14.32 -15.52 -5.64
N VAL A 175 12.98 -15.62 -5.59
CA VAL A 175 12.27 -16.34 -6.62
C VAL A 175 12.29 -15.55 -7.92
N VAL A 176 11.97 -14.25 -7.83
CA VAL A 176 11.84 -13.44 -9.03
C VAL A 176 13.18 -13.42 -9.77
N GLU A 177 14.28 -13.20 -9.05
CA GLU A 177 15.56 -13.04 -9.72
C GLU A 177 16.08 -14.36 -10.29
N SER A 178 15.51 -15.49 -9.86
CA SER A 178 15.89 -16.79 -10.40
C SER A 178 15.00 -17.24 -11.58
N THR A 179 14.08 -16.39 -12.09
CA THR A 179 13.16 -16.83 -13.13
C THR A 179 12.74 -15.70 -14.08
N ARG A 180 12.71 -14.43 -13.63
CA ARG A 180 12.40 -13.29 -14.48
C ARG A 180 13.15 -12.06 -13.99
N PRO A 181 14.49 -12.00 -14.16
CA PRO A 181 15.27 -10.88 -13.62
C PRO A 181 14.73 -9.51 -14.02
N GLY A 182 14.60 -8.60 -13.05
CA GLY A 182 14.29 -7.19 -13.30
C GLY A 182 12.79 -6.93 -13.45
N LYS A 183 11.99 -7.97 -13.32
CA LYS A 183 10.56 -7.74 -13.34
C LYS A 183 10.22 -6.94 -12.09
N LYS A 184 9.36 -5.94 -12.24
CA LYS A 184 8.92 -5.10 -11.13
C LYS A 184 8.08 -5.96 -10.19
N VAL A 185 8.22 -5.66 -8.88
CA VAL A 185 7.67 -6.42 -7.77
C VAL A 185 6.84 -5.46 -6.93
N TRP A 186 5.54 -5.76 -6.82
CA TRP A 186 4.59 -4.90 -6.13
C TRP A 186 4.02 -5.63 -4.91
N LEU A 187 3.76 -4.94 -3.81
CA LEU A 187 2.87 -5.51 -2.80
C LEU A 187 1.41 -5.25 -3.22
N GLY A 188 0.72 -6.33 -3.56
CA GLY A 188 -0.56 -6.27 -4.23
C GLY A 188 -1.73 -6.05 -3.27
N GLU A 189 -1.51 -6.30 -1.97
CA GLU A 189 -2.53 -6.28 -0.92
C GLU A 189 -1.85 -6.54 0.42
N THR A 190 -1.88 -5.56 1.35
CA THR A 190 -1.02 -5.67 2.52
C THR A 190 -1.50 -4.79 3.65
N SER A 191 -1.16 -5.19 4.89
CA SER A 191 -1.55 -4.45 6.09
C SER A 191 -0.95 -5.12 7.34
N SER A 192 -1.48 -4.71 8.51
CA SER A 192 -1.06 -5.14 9.83
C SER A 192 -1.36 -6.62 10.08
N ALA A 193 -2.65 -6.99 10.05
CA ALA A 193 -3.03 -8.35 10.42
C ALA A 193 -4.21 -8.85 9.59
N TYR A 194 -4.27 -10.19 9.40
CA TYR A 194 -5.22 -10.81 8.48
C TYR A 194 -6.53 -11.13 9.22
N GLY A 195 -7.52 -11.65 8.50
CA GLY A 195 -8.84 -11.84 9.08
C GLY A 195 -9.56 -10.54 9.37
N GLY A 196 -9.36 -9.47 8.57
CA GLY A 196 -10.05 -8.20 8.81
C GLY A 196 -9.30 -7.18 9.68
N GLY A 197 -8.17 -7.56 10.28
CA GLY A 197 -7.43 -6.66 11.14
C GLY A 197 -7.58 -7.05 12.60
N ALA A 198 -6.70 -6.51 13.45
CA ALA A 198 -6.82 -6.78 14.87
C ALA A 198 -7.81 -5.81 15.51
N PRO A 199 -8.89 -6.29 16.17
CA PRO A 199 -9.86 -5.37 16.79
C PRO A 199 -9.19 -4.42 17.79
N LEU A 200 -9.62 -3.14 17.80
CA LEU A 200 -9.09 -2.10 18.67
C LEU A 200 -7.60 -1.79 18.45
N LEU A 201 -6.94 -2.43 17.47
CA LEU A 201 -5.52 -2.20 17.20
C LEU A 201 -5.28 -1.67 15.77
N SER A 202 -5.86 -2.31 14.76
CA SER A 202 -5.54 -2.04 13.36
C SER A 202 -6.14 -0.71 12.87
N ASP A 203 -7.01 -0.09 13.66
CA ASP A 203 -7.62 1.18 13.32
C ASP A 203 -7.15 2.32 14.23
N THR A 204 -5.95 2.20 14.83
CA THR A 204 -5.50 3.13 15.86
C THR A 204 -4.16 3.78 15.51
N PHE A 205 -3.66 4.64 16.41
CA PHE A 205 -2.35 5.25 16.26
C PHE A 205 -1.25 4.17 16.28
N ALA A 206 -1.52 3.08 17.02
CA ALA A 206 -0.56 2.02 17.21
C ALA A 206 -0.27 1.28 15.91
N ALA A 207 -1.26 1.29 14.99
CA ALA A 207 -1.19 0.60 13.72
C ALA A 207 -0.15 1.24 12.80
N GLY A 208 0.27 2.46 13.14
CA GLY A 208 1.05 3.28 12.24
C GLY A 208 2.53 2.89 12.16
N PHE A 209 3.01 2.23 13.23
CA PHE A 209 4.38 1.72 13.29
C PHE A 209 4.55 0.64 12.22
N MET A 210 3.63 -0.30 12.15
CA MET A 210 3.66 -1.28 11.10
C MET A 210 3.45 -0.67 9.71
N TRP A 211 2.59 0.34 9.60
CA TRP A 211 2.33 0.89 8.28
C TRP A 211 3.56 1.69 7.78
N LEU A 212 4.11 2.62 8.60
CA LEU A 212 5.22 3.45 8.14
C LEU A 212 6.50 2.59 7.98
N ASP A 213 6.70 1.60 8.85
CA ASP A 213 7.87 0.75 8.71
C ASP A 213 7.79 -0.10 7.43
N LYS A 214 6.62 -0.67 7.14
CA LYS A 214 6.42 -1.39 5.90
C LYS A 214 6.82 -0.53 4.69
N LEU A 215 6.41 0.72 4.69
CA LEU A 215 6.68 1.62 3.58
C LEU A 215 8.18 1.86 3.43
N GLY A 216 8.86 2.10 4.55
CA GLY A 216 10.25 2.46 4.49
C GLY A 216 11.11 1.30 3.99
N LEU A 217 10.82 0.11 4.53
CA LEU A 217 11.52 -1.09 4.15
C LEU A 217 11.22 -1.42 2.68
N SER A 218 9.94 -1.30 2.26
CA SER A 218 9.56 -1.68 0.93
C SER A 218 10.35 -0.82 -0.05
N ALA A 219 10.35 0.49 0.17
CA ALA A 219 11.04 1.40 -0.71
C ALA A 219 12.52 1.04 -0.71
N ARG A 220 13.08 0.71 0.47
CA ARG A 220 14.51 0.59 0.60
C ARG A 220 14.97 -0.69 -0.08
N MET A 221 14.11 -1.73 -0.02
CA MET A 221 14.47 -3.07 -0.46
C MET A 221 14.06 -3.30 -1.93
N GLY A 222 13.42 -2.30 -2.57
CA GLY A 222 13.16 -2.35 -3.99
C GLY A 222 11.73 -2.67 -4.42
N ILE A 223 10.76 -2.67 -3.50
CA ILE A 223 9.36 -2.80 -3.86
C ILE A 223 8.94 -1.47 -4.51
N GLU A 224 8.21 -1.52 -5.63
CA GLU A 224 7.96 -0.33 -6.43
C GLU A 224 6.65 0.36 -6.00
N VAL A 225 5.67 -0.46 -5.56
CA VAL A 225 4.30 -0.06 -5.31
C VAL A 225 3.79 -0.88 -4.12
N VAL A 226 3.13 -0.21 -3.16
CA VAL A 226 2.54 -0.88 -2.01
C VAL A 226 1.04 -0.60 -1.96
N MET A 227 0.21 -1.66 -1.93
CA MET A 227 -1.23 -1.48 -1.92
C MET A 227 -1.85 -1.87 -0.56
N ARG A 228 -2.43 -0.85 0.09
CA ARG A 228 -2.89 -0.90 1.46
C ARG A 228 -4.30 -1.47 1.49
N GLN A 229 -4.41 -2.70 2.00
CA GLN A 229 -5.66 -3.22 2.53
C GLN A 229 -6.05 -2.49 3.82
N VAL A 230 -7.14 -1.71 3.87
CA VAL A 230 -8.08 -1.40 2.80
C VAL A 230 -8.46 0.09 2.89
N PHE A 231 -8.82 0.75 1.77
CA PHE A 231 -9.11 2.18 1.87
C PHE A 231 -10.33 2.38 2.76
N PHE A 232 -11.34 1.56 2.51
CA PHE A 232 -12.65 1.65 3.15
C PHE A 232 -13.31 0.28 3.06
N GLY A 233 -13.99 -0.15 4.13
CA GLY A 233 -14.60 -1.48 4.14
C GLY A 233 -14.90 -1.96 5.56
N ALA A 234 -15.32 -3.23 5.67
CA ALA A 234 -15.75 -3.77 6.96
C ALA A 234 -14.57 -4.01 7.90
N GLY A 235 -13.43 -4.44 7.35
CA GLY A 235 -12.22 -4.70 8.12
C GLY A 235 -11.65 -3.43 8.79
N ASN A 236 -11.23 -3.62 10.04
N ASN A 236 -11.28 -3.55 10.07
CA ASN A 236 -10.81 -2.52 10.91
CA ASN A 236 -10.85 -2.38 10.82
C ASN A 236 -9.37 -2.10 10.57
C ASN A 236 -9.38 -2.04 10.52
N TYR A 237 -8.78 -2.69 9.51
CA TYR A 237 -7.53 -2.19 8.96
C TYR A 237 -7.80 -1.11 7.91
N HIS A 238 -9.04 -0.62 7.86
CA HIS A 238 -9.44 0.41 6.90
C HIS A 238 -8.75 1.71 7.25
N LEU A 239 -8.39 2.50 6.23
CA LEU A 239 -7.92 3.86 6.42
C LEU A 239 -9.07 4.80 6.83
N VAL A 240 -10.30 4.49 6.38
CA VAL A 240 -11.46 5.33 6.64
C VAL A 240 -12.60 4.49 7.22
N ASP A 241 -13.29 4.99 8.26
CA ASP A 241 -14.24 4.16 8.99
C ASP A 241 -15.61 4.20 8.34
N GLU A 242 -16.59 3.49 8.93
CA GLU A 242 -17.93 3.34 8.36
C GLU A 242 -18.67 4.68 8.29
N ASN A 243 -18.23 5.69 9.07
CA ASN A 243 -18.84 7.01 9.03
C ASN A 243 -18.10 7.90 8.03
N PHE A 244 -17.26 7.30 7.19
CA PHE A 244 -16.39 8.04 6.29
C PHE A 244 -15.49 9.03 7.06
N ASP A 245 -15.10 8.70 8.30
CA ASP A 245 -14.12 9.50 9.02
C ASP A 245 -12.74 8.84 8.89
N PRO A 246 -11.68 9.62 8.64
CA PRO A 246 -10.33 9.07 8.56
C PRO A 246 -9.66 8.73 9.89
N LEU A 247 -8.95 7.61 9.86
CA LEU A 247 -8.27 7.10 11.03
C LEU A 247 -6.81 7.51 10.99
N PRO A 248 -6.06 7.34 12.09
CA PRO A 248 -4.66 7.79 12.12
C PRO A 248 -3.84 7.42 10.87
N ASP A 249 -4.05 6.22 10.32
CA ASP A 249 -3.27 5.73 9.19
C ASP A 249 -3.58 6.51 7.92
N TYR A 250 -4.80 7.02 7.79
CA TYR A 250 -5.10 7.91 6.67
C TYR A 250 -4.20 9.15 6.76
N TRP A 251 -4.17 9.80 7.92
CA TRP A 251 -3.38 11.01 8.09
C TRP A 251 -1.89 10.70 7.90
N LEU A 252 -1.47 9.50 8.30
CA LEU A 252 -0.08 9.09 8.13
C LEU A 252 0.26 8.96 6.65
N SER A 253 -0.64 8.27 5.92
CA SER A 253 -0.59 8.12 4.50
C SER A 253 -0.54 9.47 3.77
N LEU A 254 -1.44 10.39 4.08
CA LEU A 254 -1.49 11.69 3.44
C LEU A 254 -0.18 12.42 3.68
N LEU A 255 0.30 12.46 4.93
CA LEU A 255 1.61 13.08 5.17
C LEU A 255 2.66 12.48 4.25
N PHE A 256 2.65 11.16 4.11
CA PHE A 256 3.66 10.48 3.34
C PHE A 256 3.57 10.86 1.87
N LYS A 257 2.33 11.01 1.36
CA LYS A 257 2.11 11.36 -0.03
C LYS A 257 2.79 12.67 -0.34
N LYS A 258 2.65 13.62 0.57
CA LYS A 258 2.98 15.01 0.30
C LYS A 258 4.48 15.26 0.49
N LEU A 259 5.13 14.47 1.36
CA LEU A 259 6.48 14.83 1.79
C LEU A 259 7.52 13.94 1.13
N VAL A 260 7.18 12.66 0.89
CA VAL A 260 8.17 11.66 0.56
C VAL A 260 8.22 11.42 -0.95
N GLY A 261 9.45 11.52 -1.51
CA GLY A 261 9.70 11.42 -2.94
C GLY A 261 9.98 10.01 -3.46
N THR A 262 10.21 9.92 -4.78
CA THR A 262 10.36 8.65 -5.47
C THR A 262 11.80 8.17 -5.40
N LYS A 263 12.76 9.06 -5.17
CA LYS A 263 14.15 8.65 -5.12
C LYS A 263 14.46 8.23 -3.69
N VAL A 264 14.81 6.96 -3.53
CA VAL A 264 15.06 6.37 -2.22
C VAL A 264 16.56 6.40 -1.92
N LEU A 265 16.90 6.94 -0.74
CA LEU A 265 18.26 7.05 -0.25
C LEU A 265 18.32 6.13 0.96
N MET A 266 19.29 6.33 1.86
CA MET A 266 19.43 5.44 2.99
C MET A 266 19.92 6.27 4.16
N ALA A 267 19.46 5.87 5.35
CA ALA A 267 19.88 6.49 6.60
C ALA A 267 20.02 5.39 7.63
N SER A 268 20.91 5.58 8.59
CA SER A 268 21.04 4.58 9.64
C SER A 268 21.67 5.21 10.86
N VAL A 269 21.52 4.51 12.02
CA VAL A 269 21.99 5.02 13.30
C VAL A 269 23.27 4.31 13.72
N GLN A 270 24.25 5.11 14.18
CA GLN A 270 25.54 4.59 14.63
C GLN A 270 25.34 3.80 15.91
N GLY A 271 25.59 2.48 15.84
CA GLY A 271 25.13 1.53 16.83
C GLY A 271 23.69 1.10 16.58
N SER A 272 23.52 0.09 15.70
CA SER A 272 22.21 -0.42 15.32
C SER A 272 21.59 -1.21 16.48
N ARG A 275 17.35 -1.12 16.20
CA ARG A 275 16.14 -1.98 16.14
C ARG A 275 14.90 -1.17 16.56
N LYS A 276 14.96 -0.47 17.70
N LYS A 276 14.98 -0.50 17.72
CA LYS A 276 13.80 0.27 18.17
CA LYS A 276 13.87 0.27 18.25
C LYS A 276 13.82 1.72 17.67
C LYS A 276 13.78 1.63 17.55
N LEU A 277 14.92 2.14 17.06
CA LEU A 277 14.94 3.43 16.39
C LEU A 277 15.19 3.15 14.90
N ARG A 278 14.18 3.41 14.06
CA ARG A 278 14.18 2.99 12.66
C ARG A 278 14.00 4.21 11.76
N VAL A 279 14.88 4.38 10.78
CA VAL A 279 15.00 5.62 10.04
C VAL A 279 15.06 5.33 8.53
N TYR A 280 14.45 6.23 7.73
CA TYR A 280 14.36 6.11 6.29
C TYR A 280 14.64 7.47 5.66
N LEU A 281 15.18 7.46 4.44
CA LEU A 281 15.59 8.70 3.80
C LEU A 281 15.30 8.60 2.32
N HIS A 282 14.53 9.57 1.82
CA HIS A 282 14.25 9.74 0.40
C HIS A 282 14.50 11.21 0.02
N CYS A 283 14.55 11.52 -1.27
CA CYS A 283 14.46 12.92 -1.67
C CYS A 283 13.04 13.41 -1.40
N THR A 284 12.89 14.71 -1.14
CA THR A 284 11.59 15.28 -0.83
C THR A 284 10.72 15.23 -2.08
N ASN A 285 9.41 15.05 -1.90
CA ASN A 285 8.47 15.06 -3.03
C ASN A 285 8.56 16.43 -3.74
N THR A 286 9.01 16.46 -5.01
CA THR A 286 9.18 17.74 -5.71
C THR A 286 7.86 18.40 -6.12
N ASP A 287 6.70 17.72 -6.03
CA ASP A 287 5.41 18.37 -6.23
C ASP A 287 4.99 19.18 -5.00
N ASN A 288 5.74 19.11 -3.91
CA ASN A 288 5.41 19.88 -2.72
C ASN A 288 5.88 21.31 -2.94
N PRO A 289 4.93 22.28 -2.90
CA PRO A 289 5.21 23.66 -3.26
C PRO A 289 6.10 24.38 -2.26
N ARG A 290 6.10 23.93 -1.00
CA ARG A 290 6.93 24.54 0.02
C ARG A 290 8.42 24.28 -0.21
N TYR A 291 8.77 23.14 -0.82
CA TYR A 291 10.15 22.68 -0.84
C TYR A 291 10.71 22.75 -2.26
N LYS A 292 12.00 22.47 -2.39
CA LYS A 292 12.67 22.74 -3.66
C LYS A 292 13.59 21.59 -3.99
N GLU A 293 14.05 21.54 -5.25
CA GLU A 293 14.90 20.46 -5.73
C GLU A 293 16.13 20.35 -4.80
N GLY A 294 16.42 19.12 -4.37
CA GLY A 294 17.61 18.86 -3.58
C GLY A 294 17.35 18.74 -2.08
N ASP A 295 16.13 19.07 -1.64
CA ASP A 295 15.76 18.87 -0.25
C ASP A 295 15.60 17.38 0.06
N LEU A 296 15.78 16.97 1.33
CA LEU A 296 15.63 15.59 1.74
C LEU A 296 14.38 15.42 2.63
N THR A 297 13.80 14.22 2.61
CA THR A 297 12.80 13.88 3.60
C THR A 297 13.25 12.63 4.37
N LEU A 298 13.53 12.86 5.65
CA LEU A 298 13.80 11.82 6.62
C LEU A 298 12.48 11.42 7.29
N TYR A 299 12.25 10.14 7.55
CA TYR A 299 11.20 9.80 8.48
C TYR A 299 11.74 8.74 9.43
N ALA A 300 11.20 8.73 10.66
CA ALA A 300 11.76 7.99 11.77
C ALA A 300 10.67 7.48 12.71
N ILE A 301 10.86 6.26 13.19
CA ILE A 301 10.00 5.61 14.15
C ILE A 301 10.80 5.37 15.43
N ASN A 302 10.19 5.67 16.59
CA ASN A 302 10.86 5.47 17.86
C ASN A 302 10.02 4.56 18.73
N LEU A 303 10.44 3.30 18.86
CA LEU A 303 9.72 2.31 19.64
C LEU A 303 10.32 2.13 21.05
N HIS A 304 11.29 2.97 21.45
CA HIS A 304 11.74 3.03 22.84
C HIS A 304 10.68 3.66 23.72
N ASN A 305 10.82 3.51 25.04
CA ASN A 305 9.93 4.13 26.00
C ASN A 305 10.40 5.51 26.46
N VAL A 306 11.39 6.14 25.81
CA VAL A 306 11.81 7.48 26.15
C VAL A 306 11.97 8.26 24.85
N THR A 307 12.06 9.58 24.97
CA THR A 307 12.35 10.43 23.85
C THR A 307 13.76 10.12 23.36
N LYS A 308 13.97 10.19 22.03
CA LYS A 308 15.31 10.16 21.45
C LYS A 308 15.57 11.42 20.62
N TYR A 309 16.87 11.72 20.50
CA TYR A 309 17.37 12.95 19.93
C TYR A 309 18.37 12.60 18.83
N LEU A 310 18.00 12.93 17.60
CA LEU A 310 18.74 12.56 16.38
C LEU A 310 19.57 13.74 15.91
N ARG A 311 20.86 13.53 15.63
CA ARG A 311 21.69 14.57 15.05
C ARG A 311 21.97 14.28 13.57
N LEU A 312 21.84 15.33 12.75
CA LEU A 312 22.09 15.25 11.32
C LEU A 312 23.57 15.35 11.04
N PRO A 313 24.12 14.60 10.06
CA PRO A 313 25.55 14.70 9.72
C PRO A 313 25.85 15.88 8.79
N TYR A 314 27.13 16.27 8.76
CA TYR A 314 27.67 17.19 7.75
C TYR A 314 27.33 16.59 6.39
N PRO A 315 26.96 17.37 5.36
CA PRO A 315 26.83 18.82 5.46
C PRO A 315 25.45 19.37 5.84
N PHE A 316 24.72 18.61 6.67
CA PHE A 316 23.29 18.87 6.86
C PHE A 316 22.99 19.37 8.26
N SER A 317 24.03 19.63 9.06
CA SER A 317 23.87 19.91 10.48
C SER A 317 23.15 21.24 10.73
N ASN A 318 23.45 22.27 9.95
CA ASN A 318 22.92 23.60 10.24
C ASN A 318 21.83 23.99 9.24
N LYS A 319 21.19 23.00 8.61
CA LYS A 319 20.13 23.29 7.66
C LYS A 319 18.81 23.57 8.38
N GLN A 320 17.91 24.29 7.71
CA GLN A 320 16.60 24.51 8.28
C GLN A 320 15.88 23.17 8.18
N VAL A 321 15.35 22.67 9.32
CA VAL A 321 14.53 21.45 9.35
C VAL A 321 13.08 21.80 9.70
N ASP A 322 12.12 21.22 8.95
CA ASP A 322 10.69 21.29 9.22
C ASP A 322 10.24 19.98 9.85
N LYS A 323 9.68 20.03 11.06
CA LYS A 323 9.22 18.83 11.75
C LYS A 323 7.75 18.58 11.40
N TYR A 324 7.37 17.29 11.28
CA TYR A 324 6.01 16.84 11.13
C TYR A 324 5.79 15.60 12.00
N LEU A 325 5.40 15.83 13.25
CA LEU A 325 5.39 14.81 14.29
C LEU A 325 3.96 14.45 14.66
N LEU A 326 3.70 13.13 14.75
CA LEU A 326 2.39 12.56 14.95
C LEU A 326 2.33 11.91 16.33
N ARG A 327 1.26 12.25 17.07
CA ARG A 327 1.02 11.77 18.43
C ARG A 327 -0.48 11.65 18.65
N PRO A 328 -0.94 10.65 19.41
CA PRO A 328 -2.37 10.39 19.57
C PRO A 328 -3.02 11.49 20.42
N LEU A 329 -4.27 11.78 20.09
CA LEU A 329 -5.08 12.66 20.93
C LEU A 329 -5.69 11.80 22.02
N GLY A 330 -5.46 12.19 23.28
CA GLY A 330 -5.78 11.34 24.42
C GLY A 330 -7.29 11.28 24.56
N PRO A 331 -7.84 10.52 25.51
CA PRO A 331 -7.05 9.89 26.56
C PRO A 331 -6.58 8.45 26.36
N HIS A 332 -6.84 7.88 25.17
CA HIS A 332 -6.63 6.47 24.90
C HIS A 332 -5.24 6.18 24.32
N GLY A 333 -4.38 7.20 24.20
CA GLY A 333 -2.97 6.94 23.98
C GLY A 333 -2.79 6.28 22.62
N LEU A 334 -1.98 5.22 22.55
CA LEU A 334 -1.68 4.59 21.27
C LEU A 334 -2.93 3.88 20.72
N LEU A 335 -3.93 3.61 21.57
CA LEU A 335 -5.17 3.00 21.09
C LEU A 335 -6.18 4.07 20.66
N SER A 336 -5.76 5.34 20.62
CA SER A 336 -6.66 6.37 20.12
C SER A 336 -6.91 6.20 18.62
N LYS A 337 -8.09 6.68 18.19
CA LYS A 337 -8.46 6.78 16.79
C LYS A 337 -8.29 8.22 16.30
N SER A 338 -7.62 9.07 17.09
CA SER A 338 -7.40 10.46 16.70
C SER A 338 -5.92 10.83 16.86
N VAL A 339 -5.44 11.78 16.05
CA VAL A 339 -4.03 12.05 15.99
C VAL A 339 -3.81 13.53 15.79
N GLN A 340 -2.70 14.03 16.37
CA GLN A 340 -2.27 15.41 16.26
C GLN A 340 -0.98 15.53 15.45
N LEU A 341 -0.90 16.62 14.67
CA LEU A 341 0.31 16.95 13.91
C LEU A 341 0.91 18.20 14.55
N ASN A 342 2.05 17.99 15.24
CA ASN A 342 2.77 19.04 15.94
C ASN A 342 1.81 19.76 16.89
N GLY A 343 1.09 18.99 17.74
CA GLY A 343 0.15 19.56 18.69
C GLY A 343 -1.25 19.96 18.16
N LEU A 344 -1.51 19.89 16.84
CA LEU A 344 -2.80 20.28 16.27
C LEU A 344 -3.56 19.04 15.79
N THR A 345 -4.79 18.82 16.26
CA THR A 345 -5.58 17.65 15.88
C THR A 345 -5.92 17.72 14.38
N LEU A 346 -5.77 16.60 13.67
CA LEU A 346 -6.03 16.58 12.24
C LEU A 346 -7.45 16.11 12.05
N LYS A 347 -8.24 16.95 11.37
CA LYS A 347 -9.64 16.67 11.08
C LYS A 347 -10.02 17.44 9.82
N MET A 348 -10.92 16.86 9.00
N MET A 348 -10.93 16.87 9.04
CA MET A 348 -11.41 17.51 7.80
CA MET A 348 -11.51 17.53 7.88
C MET A 348 -12.02 18.87 8.16
C MET A 348 -11.96 18.94 8.25
N VAL A 349 -11.76 19.90 7.33
CA VAL A 349 -12.35 21.21 7.50
C VAL A 349 -13.87 21.14 7.22
N ASP A 350 -14.22 20.61 6.04
CA ASP A 350 -15.57 20.16 5.74
C ASP A 350 -15.45 18.95 4.84
N ASP A 351 -16.59 18.41 4.37
CA ASP A 351 -16.63 17.22 3.54
C ASP A 351 -15.86 17.36 2.23
N GLN A 352 -15.49 18.58 1.85
CA GLN A 352 -14.82 18.79 0.58
C GLN A 352 -13.36 19.22 0.79
N THR A 353 -12.90 19.42 2.05
CA THR A 353 -11.70 20.19 2.31
C THR A 353 -10.83 19.54 3.37
N LEU A 354 -9.71 18.95 2.92
CA LEU A 354 -8.65 18.51 3.80
C LEU A 354 -7.99 19.73 4.44
N PRO A 355 -7.48 19.63 5.69
CA PRO A 355 -6.83 20.75 6.35
C PRO A 355 -5.43 20.97 5.80
N PRO A 356 -4.80 22.15 6.01
CA PRO A 356 -3.38 22.28 5.74
C PRO A 356 -2.66 21.33 6.70
N LEU A 357 -1.41 21.03 6.36
CA LEU A 357 -0.56 20.24 7.21
C LEU A 357 0.61 21.13 7.58
N MET A 358 0.54 21.79 8.73
CA MET A 358 1.50 22.83 9.02
C MET A 358 2.75 22.19 9.62
N GLU A 359 3.88 22.52 9.00
CA GLU A 359 5.21 22.21 9.51
C GLU A 359 5.42 22.91 10.84
N LYS A 360 6.37 22.39 11.62
CA LYS A 360 6.94 23.11 12.74
C LYS A 360 8.42 23.32 12.45
N PRO A 361 8.85 24.54 12.08
CA PRO A 361 10.25 24.81 11.81
C PRO A 361 11.08 24.71 13.09
N LEU A 362 12.24 24.03 13.00
CA LEU A 362 13.13 23.85 14.13
C LEU A 362 14.30 24.83 14.02
N ARG A 363 14.91 25.10 15.19
CA ARG A 363 16.06 25.99 15.26
C ARG A 363 17.16 25.33 14.44
N PRO A 364 17.74 26.02 13.42
CA PRO A 364 18.85 25.46 12.66
C PRO A 364 19.95 24.98 13.60
N GLY A 365 20.47 23.79 13.34
CA GLY A 365 21.55 23.22 14.14
C GLY A 365 21.07 22.44 15.36
N SER A 366 19.74 22.28 15.53
CA SER A 366 19.18 21.67 16.72
C SER A 366 18.98 20.18 16.52
N SER A 367 19.00 19.43 17.64
CA SER A 367 18.74 18.01 17.64
C SER A 367 17.25 17.79 17.30
N LEU A 368 16.93 16.60 16.76
CA LEU A 368 15.61 16.22 16.26
C LEU A 368 14.92 15.33 17.30
N GLY A 369 13.90 15.90 17.94
CA GLY A 369 13.25 15.24 19.05
C GLY A 369 12.21 14.23 18.57
N LEU A 370 12.24 13.02 19.13
CA LEU A 370 11.32 11.97 18.71
C LEU A 370 10.82 11.26 19.95
N PRO A 371 9.69 11.72 20.52
CA PRO A 371 9.15 11.13 21.75
C PRO A 371 9.04 9.62 21.69
N ALA A 372 8.85 8.99 22.85
CA ALA A 372 8.58 7.56 22.95
C ALA A 372 7.35 7.21 22.13
N PHE A 373 7.38 6.03 21.50
CA PHE A 373 6.29 5.51 20.69
C PHE A 373 5.69 6.58 19.78
N SER A 374 6.48 7.09 18.85
CA SER A 374 6.02 8.13 17.93
C SER A 374 6.65 7.91 16.55
N TYR A 375 6.23 8.71 15.57
CA TYR A 375 6.87 8.72 14.28
C TYR A 375 6.81 10.15 13.78
N SER A 376 7.78 10.52 12.96
CA SER A 376 7.84 11.88 12.52
C SER A 376 8.46 11.91 11.13
N PHE A 377 8.13 12.94 10.35
CA PHE A 377 8.88 13.27 9.17
C PHE A 377 9.72 14.49 9.52
N PHE A 378 10.86 14.65 8.82
CA PHE A 378 11.66 15.85 8.92
C PHE A 378 12.12 16.20 7.52
N VAL A 379 11.91 17.47 7.12
CA VAL A 379 12.36 17.93 5.82
C VAL A 379 13.58 18.84 6.01
N ILE A 380 14.65 18.52 5.27
CA ILE A 380 15.91 19.23 5.37
C ILE A 380 16.02 20.15 4.17
N ARG A 381 15.83 21.45 4.43
CA ARG A 381 15.60 22.45 3.40
C ARG A 381 16.93 22.97 2.86
N ASN A 382 16.96 23.14 1.54
CA ASN A 382 18.14 23.63 0.87
C ASN A 382 19.30 22.69 1.13
N ALA A 383 19.05 21.38 1.03
CA ALA A 383 20.08 20.40 1.32
C ALA A 383 20.99 20.24 0.12
N LYS A 384 20.47 20.56 -1.06
CA LYS A 384 21.27 20.66 -2.27
C LYS A 384 21.90 19.30 -2.58
N VAL A 385 21.14 18.21 -2.41
CA VAL A 385 21.69 16.90 -2.67
C VAL A 385 21.58 16.70 -4.17
N ALA A 386 22.73 16.58 -4.85
CA ALA A 386 22.77 16.50 -6.30
C ALA A 386 21.89 15.37 -6.82
N ALA A 387 21.84 14.23 -6.13
CA ALA A 387 21.08 13.09 -6.61
C ALA A 387 19.58 13.41 -6.65
N CYS A 388 19.15 14.41 -5.89
CA CYS A 388 17.74 14.73 -5.82
C CYS A 388 17.33 15.62 -6.99
N ILE A 389 18.28 16.38 -7.58
CA ILE A 389 18.01 17.31 -8.67
C ILE A 389 17.88 16.53 -9.99
CA GLN B 4 22.52 9.20 26.89
C GLN B 4 21.54 8.80 25.78
N ASP B 5 20.70 9.76 25.37
CA ASP B 5 19.59 9.50 24.45
C ASP B 5 19.86 10.16 23.10
N VAL B 6 21.10 10.62 22.84
CA VAL B 6 21.42 11.43 21.68
C VAL B 6 22.15 10.60 20.61
N VAL B 7 21.48 10.39 19.47
CA VAL B 7 21.87 9.39 18.47
C VAL B 7 22.29 10.10 17.17
N ASP B 8 23.43 9.70 16.61
CA ASP B 8 23.92 10.25 15.37
C ASP B 8 23.42 9.42 14.18
N LEU B 9 23.04 10.12 13.11
CA LEU B 9 22.62 9.51 11.86
C LEU B 9 23.69 9.60 10.78
N ASP B 10 23.83 8.51 10.02
CA ASP B 10 24.60 8.46 8.78
C ASP B 10 23.65 8.45 7.58
N PHE B 11 23.97 9.27 6.57
CA PHE B 11 23.14 9.39 5.40
C PHE B 11 23.94 9.05 4.15
N PHE B 12 23.42 8.12 3.33
CA PHE B 12 23.97 7.89 2.02
C PHE B 12 23.17 8.68 1.01
N THR B 13 23.82 9.66 0.35
CA THR B 13 23.13 10.55 -0.59
C THR B 13 23.77 10.64 -1.99
N GLN B 14 24.69 9.72 -2.31
N GLN B 14 24.70 9.71 -2.29
N GLN B 14 24.70 9.72 -2.34
CA GLN B 14 25.48 9.78 -3.54
CA GLN B 14 25.47 9.75 -3.53
CA GLN B 14 25.47 9.84 -3.57
C GLN B 14 24.57 9.57 -4.75
C GLN B 14 24.55 9.59 -4.73
C GLN B 14 24.61 9.51 -4.79
N GLU B 15 23.70 8.55 -4.68
CA GLU B 15 22.77 8.27 -5.78
C GLU B 15 21.52 7.59 -5.22
N PRO B 16 20.40 7.58 -5.99
CA PRO B 16 19.20 6.88 -5.56
C PRO B 16 19.56 5.42 -5.55
N LEU B 17 19.09 4.69 -4.53
CA LEU B 17 19.33 3.25 -4.46
C LEU B 17 18.18 2.53 -5.15
N HIS B 18 17.02 3.19 -5.20
CA HIS B 18 15.89 2.72 -5.97
C HIS B 18 15.00 3.90 -6.29
N LEU B 19 14.07 3.65 -7.20
CA LEU B 19 13.06 4.61 -7.61
C LEU B 19 11.71 3.92 -7.41
N VAL B 20 10.84 4.51 -6.59
CA VAL B 20 9.48 3.98 -6.46
C VAL B 20 8.54 4.74 -7.42
N SER B 21 7.42 4.09 -7.74
CA SER B 21 6.36 4.71 -8.52
C SER B 21 5.89 5.98 -7.82
N PRO B 22 5.47 7.02 -8.57
CA PRO B 22 4.73 8.14 -7.99
C PRO B 22 3.52 7.62 -7.22
N SER B 23 3.03 6.45 -7.62
CA SER B 23 1.94 5.76 -6.95
C SER B 23 2.40 4.76 -5.86
N PHE B 24 3.60 4.92 -5.30
CA PHE B 24 4.14 3.96 -4.34
C PHE B 24 3.11 3.61 -3.27
N LEU B 25 2.45 4.63 -2.72
CA LEU B 25 1.45 4.39 -1.70
C LEU B 25 0.08 4.35 -2.38
N SER B 26 -0.42 3.13 -2.55
CA SER B 26 -1.72 2.87 -3.16
C SER B 26 -2.62 2.15 -2.16
N VAL B 27 -3.88 1.89 -2.58
CA VAL B 27 -4.96 1.42 -1.73
C VAL B 27 -5.78 0.38 -2.48
N THR B 28 -6.58 -0.37 -1.71
CA THR B 28 -7.39 -1.45 -2.22
C THR B 28 -8.83 -1.12 -1.87
N ILE B 29 -9.78 -1.70 -2.62
CA ILE B 29 -11.12 -1.95 -2.13
C ILE B 29 -11.35 -3.47 -2.21
N ASP B 30 -11.80 -4.05 -1.11
CA ASP B 30 -12.04 -5.48 -1.12
C ASP B 30 -13.19 -5.77 -2.10
N ALA B 31 -13.03 -6.83 -2.89
CA ALA B 31 -14.05 -7.21 -3.84
C ALA B 31 -15.34 -7.52 -3.10
N ASN B 32 -15.24 -7.92 -1.83
CA ASN B 32 -16.41 -8.36 -1.12
C ASN B 32 -17.33 -7.17 -0.83
N LEU B 33 -16.85 -5.94 -1.08
CA LEU B 33 -17.64 -4.77 -0.73
C LEU B 33 -18.79 -4.66 -1.72
N ALA B 34 -18.59 -5.18 -2.93
CA ALA B 34 -19.62 -5.18 -3.96
C ALA B 34 -20.79 -6.12 -3.63
N THR B 35 -20.75 -6.83 -2.49
CA THR B 35 -21.91 -7.61 -2.10
C THR B 35 -22.76 -6.89 -1.05
N ASP B 36 -22.39 -5.65 -0.72
CA ASP B 36 -23.15 -4.78 0.14
C ASP B 36 -24.25 -4.10 -0.69
N PRO B 37 -25.53 -4.25 -0.28
CA PRO B 37 -26.66 -3.57 -0.92
C PRO B 37 -26.44 -2.08 -1.15
N ARG B 38 -25.61 -1.45 -0.30
CA ARG B 38 -25.39 0.00 -0.30
C ARG B 38 -24.10 0.40 -1.03
N PHE B 39 -23.51 -0.49 -1.85
CA PHE B 39 -22.27 -0.20 -2.58
C PHE B 39 -22.35 1.17 -3.28
N LEU B 40 -23.47 1.40 -3.99
CA LEU B 40 -23.67 2.61 -4.78
C LEU B 40 -23.59 3.84 -3.86
N ILE B 41 -24.29 3.83 -2.72
CA ILE B 41 -24.22 4.98 -1.82
C ILE B 41 -22.78 5.16 -1.33
N LEU B 42 -22.14 4.05 -0.91
CA LEU B 42 -20.84 4.11 -0.26
C LEU B 42 -19.85 4.82 -1.17
N LEU B 43 -19.63 4.27 -2.35
CA LEU B 43 -18.63 4.85 -3.22
C LEU B 43 -19.11 6.15 -3.83
N GLY B 44 -20.40 6.48 -3.67
CA GLY B 44 -20.95 7.72 -4.20
C GLY B 44 -20.64 8.89 -3.28
N SER B 45 -20.29 8.58 -2.01
CA SER B 45 -20.05 9.58 -0.99
C SER B 45 -19.04 10.60 -1.48
N PRO B 46 -19.40 11.91 -1.53
CA PRO B 46 -18.44 12.95 -1.91
C PRO B 46 -17.34 13.13 -0.87
N LYS B 47 -17.68 12.82 0.39
CA LYS B 47 -16.78 12.93 1.51
C LYS B 47 -15.65 11.91 1.36
N LEU B 48 -16.01 10.72 0.89
CA LEU B 48 -15.06 9.65 0.71
C LEU B 48 -14.17 9.99 -0.48
N ARG B 49 -14.80 10.52 -1.53
CA ARG B 49 -14.08 10.88 -2.75
C ARG B 49 -13.03 11.94 -2.41
N THR B 50 -13.37 12.86 -1.51
CA THR B 50 -12.45 13.90 -1.10
C THR B 50 -11.19 13.27 -0.51
N LEU B 51 -11.43 12.29 0.39
CA LEU B 51 -10.37 11.59 1.08
C LEU B 51 -9.55 10.79 0.08
N ALA B 52 -10.20 10.15 -0.89
CA ALA B 52 -9.48 9.45 -1.95
C ALA B 52 -8.63 10.40 -2.79
N ARG B 53 -9.17 11.58 -3.11
CA ARG B 53 -8.46 12.54 -3.94
C ARG B 53 -7.10 12.87 -3.31
N GLY B 54 -7.06 12.95 -1.97
CA GLY B 54 -5.84 13.29 -1.27
C GLY B 54 -4.66 12.34 -1.51
N LEU B 55 -4.93 11.07 -1.82
CA LEU B 55 -3.86 10.10 -1.99
C LEU B 55 -3.47 9.97 -3.47
N SER B 56 -4.14 10.77 -4.32
CA SER B 56 -3.81 10.84 -5.73
C SER B 56 -2.39 11.40 -5.86
N PRO B 57 -1.48 10.85 -6.70
CA PRO B 57 -1.75 9.70 -7.56
C PRO B 57 -1.49 8.35 -6.88
N ALA B 58 -2.33 7.37 -7.28
CA ALA B 58 -2.40 6.07 -6.66
C ALA B 58 -3.21 5.08 -7.51
N TYR B 59 -2.80 3.81 -7.46
CA TYR B 59 -3.64 2.72 -7.89
C TYR B 59 -4.69 2.42 -6.82
N LEU B 60 -5.88 2.02 -7.30
CA LEU B 60 -6.93 1.43 -6.49
C LEU B 60 -7.16 0.02 -6.98
N ARG B 61 -6.81 -0.99 -6.17
CA ARG B 61 -6.98 -2.39 -6.55
C ARG B 61 -8.28 -2.92 -5.96
N PHE B 62 -9.17 -3.32 -6.87
CA PHE B 62 -10.47 -3.89 -6.53
C PHE B 62 -10.30 -5.40 -6.62
N GLY B 63 -10.16 -6.02 -5.46
CA GLY B 63 -9.87 -7.44 -5.38
C GLY B 63 -9.90 -7.94 -3.94
N GLY B 64 -9.82 -9.27 -3.78
CA GLY B 64 -9.93 -9.87 -2.46
C GLY B 64 -10.31 -11.35 -2.63
N THR B 65 -10.61 -12.04 -1.52
CA THR B 65 -10.94 -13.45 -1.59
C THR B 65 -12.12 -13.64 -2.55
N LYS B 66 -13.10 -12.72 -2.44
CA LYS B 66 -14.34 -12.73 -3.18
C LYS B 66 -14.10 -12.59 -4.69
N THR B 67 -12.93 -12.06 -5.11
CA THR B 67 -12.57 -11.99 -6.53
C THR B 67 -12.95 -13.24 -7.32
N ASP B 68 -12.67 -14.40 -6.73
CA ASP B 68 -12.88 -15.67 -7.40
C ASP B 68 -14.26 -16.27 -7.11
N PHE B 69 -15.19 -15.42 -6.64
CA PHE B 69 -16.55 -15.80 -6.33
C PHE B 69 -17.51 -14.76 -6.89
N LEU B 70 -17.02 -13.94 -7.82
CA LEU B 70 -17.86 -12.93 -8.46
C LEU B 70 -18.00 -13.25 -9.95
N ILE B 71 -19.24 -13.20 -10.44
CA ILE B 71 -19.56 -13.43 -11.84
C ILE B 71 -20.24 -12.17 -12.40
N PHE B 72 -19.74 -11.68 -13.54
CA PHE B 72 -20.37 -10.56 -14.22
C PHE B 72 -21.71 -11.02 -14.81
N ASP B 73 -22.75 -10.21 -14.63
CA ASP B 73 -24.06 -10.45 -15.23
C ASP B 73 -24.57 -9.16 -15.88
N PRO B 74 -24.45 -9.01 -17.22
CA PRO B 74 -24.81 -7.76 -17.90
C PRO B 74 -26.29 -7.40 -17.95
N LYS B 75 -27.16 -8.21 -17.33
CA LYS B 75 -28.59 -7.94 -17.29
C LYS B 75 -29.05 -7.53 -15.89
N LYS B 76 -28.21 -7.67 -14.85
CA LYS B 76 -28.64 -7.59 -13.45
C LYS B 76 -29.26 -6.22 -13.15
N GLU B 77 -30.23 -6.22 -12.23
CA GLU B 77 -30.96 -5.01 -11.87
C GLU B 77 -30.00 -4.04 -11.17
C1 NAG C . -17.83 -21.31 -20.07
C2 NAG C . -18.24 -22.49 -20.98
C3 NAG C . -19.64 -22.30 -21.61
C4 NAG C . -20.65 -21.72 -20.60
C5 NAG C . -20.05 -20.45 -20.02
C6 NAG C . -20.99 -19.67 -19.11
C7 NAG C . -16.32 -23.64 -22.06
C8 NAG C . -15.23 -23.46 -23.08
N2 NAG C . -17.30 -22.72 -22.06
O3 NAG C . -20.11 -23.52 -22.15
O4 NAG C . -21.89 -21.45 -21.26
O5 NAG C . -18.91 -20.85 -19.24
O6 NAG C . -21.38 -20.40 -17.95
O7 NAG C . -16.31 -24.58 -21.27
C1 NAG D . -4.43 4.77 -19.21
C2 NAG D . -3.94 5.17 -20.61
C3 NAG D . -2.40 5.27 -20.63
C4 NAG D . -1.91 6.10 -19.46
C5 NAG D . -2.32 5.41 -18.17
C6 NAG D . -1.80 6.11 -16.94
C7 NAG D . -4.40 4.45 -22.94
C8 NAG D . -3.16 3.97 -23.65
N2 NAG D . -4.44 4.26 -21.62
O3 NAG D . -1.87 5.77 -21.86
O4 NAG D . -0.50 6.25 -19.48
O5 NAG D . -3.77 5.41 -18.12
O6 NAG D . -2.30 5.51 -15.75
O7 NAG D . -5.33 4.95 -23.56
C1 NAG E . -0.61 -28.68 -13.72
C2 NAG E . 0.37 -29.80 -14.04
C3 NAG E . 0.11 -30.44 -15.41
C4 NAG E . -1.38 -30.67 -15.69
C5 NAG E . -2.19 -29.42 -15.35
C6 NAG E . -3.67 -29.66 -15.50
C7 NAG E . 2.78 -29.75 -13.45
C8 NAG E . 4.10 -29.24 -13.96
N2 NAG E . 1.69 -29.22 -14.01
O3 NAG E . 0.84 -31.66 -15.49
O4 NAG E . -1.63 -31.00 -17.06
O5 NAG E . -1.95 -29.04 -13.97
O6 NAG E . -4.42 -28.58 -15.00
O7 NAG E . 2.70 -30.60 -12.57
C1 NAG F . -19.36 -21.01 -9.21
C2 NAG F . -19.32 -22.36 -8.50
C3 NAG F . -18.36 -23.29 -9.25
C4 NAG F . -18.82 -23.42 -10.70
C5 NAG F . -18.87 -22.05 -11.34
C6 NAG F . -19.41 -22.07 -12.76
C7 NAG F . -19.67 -22.70 -6.07
C8 NAG F . -20.78 -23.67 -6.36
N2 NAG F . -18.91 -22.32 -7.11
O3 NAG F . -18.25 -24.58 -8.64
O4 NAG F . -17.90 -24.25 -11.40
O5 NAG F . -19.74 -21.20 -10.57
O6 NAG F . -18.37 -22.22 -13.73
O7 NAG F . -19.46 -22.27 -4.94
C4 VGO G . -7.78 -11.25 0.76
C5 VGO G . -8.67 -10.17 1.45
C6 VGO G . -8.84 -10.40 2.97
N1 VGO G . -6.54 -11.46 1.51
C3 VGO G . -6.78 -11.75 2.95
O1 VGO G . -8.10 -9.67 5.77
C1 VGO G . -7.71 -10.69 5.17
O2 VGO G . -7.48 -11.76 5.74
C2 VGO G . -7.48 -10.58 3.65
O3 VGO G . -8.10 -8.90 1.26
O4 VGO G . -9.99 -10.30 0.98
O5 VGO G . -9.66 -11.54 3.24
C1 EDO H . 9.54 13.01 -6.88
O1 EDO H . 10.16 14.01 -6.14
C2 EDO H . 8.10 13.10 -6.73
O2 EDO H . 7.75 12.44 -5.56
O3 LYY I . 15.16 3.54 28.05
O5 LYY I . 16.49 0.91 25.46
C1 LYY I . 16.29 0.28 26.73
C2 LYY I . 15.69 1.25 27.72
O2 LYY I . 15.87 0.75 29.04
C3 LYY I . 16.24 2.69 27.68
C4 LYY I . 16.75 3.15 26.33
O4 LYY I . 15.64 3.65 25.60
C5 LYY I . 17.42 2.02 25.57
C1 EDO J . -0.92 10.36 28.38
O1 EDO J . -1.97 10.09 29.27
C2 EDO J . -0.95 11.74 27.84
O2 EDO J . 0.22 12.07 27.09
C1 NAG K . 11.54 0.99 30.85
C2 NAG K . 11.28 0.09 32.05
C3 NAG K . 12.36 -0.97 32.21
C4 NAG K . 12.68 -1.61 30.87
C5 NAG K . 13.17 -0.51 29.94
C6 NAG K . 13.67 -0.99 28.60
C7 NAG K . 12.13 1.15 34.10
C8 NAG K . 12.43 2.59 34.39
N2 NAG K . 11.15 0.92 33.23
O1 NAG K . 10.30 1.56 30.53
O3 NAG K . 11.93 -1.92 33.17
O4 NAG K . 13.71 -2.59 30.99
O5 NAG K . 12.04 0.35 29.68
O6 NAG K . 12.61 -1.60 27.88
O7 NAG K . 12.73 0.22 34.66
CL CL L . -15.20 -4.92 2.72
CL CL M . 2.15 -25.04 -7.64
CL CL N . -0.07 -13.21 2.71
#